data_9H7F
#
_entry.id   9H7F
#
_cell.length_a   85.110
_cell.length_b   43.800
_cell.length_c   64.760
_cell.angle_alpha   90.00
_cell.angle_beta   90.00
_cell.angle_gamma   90.00
#
_symmetry.space_group_name_H-M   'P 21 21 2'
#
loop_
_entity.id
_entity.type
_entity.pdbx_description
1 polymer Transthyretin
2 non-polymer 3,5-bis(chloranyl)aniline
3 water water
#
_entity_poly.entity_id   1
_entity_poly.type   'polypeptide(L)'
_entity_poly.pdbx_seq_one_letter_code
;GPTGTGESKCPLMVKVLDAVRGSPAINVAVHVFRKAADDTWEPFASGKTSESGELHGLTTEEEFVEGIYKVEIDTKSYWK
ALGISPFHEHAEVVFTANDSGPRRYTIAALLSPYSYSTTAVVTNPKE
;
_entity_poly.pdbx_strand_id   A,B
#
loop_
_chem_comp.id
_chem_comp.type
_chem_comp.name
_chem_comp.formula
A1ISU non-polymer 3,5-bis(chloranyl)aniline 'C6 H5 Cl2 N'
#
# COMPACT_ATOMS: atom_id res chain seq x y z
C CYS A 10 -6.38 20.65 3.69
N PRO A 11 -5.20 20.65 3.06
CA PRO A 11 -5.04 19.97 1.83
C PRO A 11 -4.79 18.44 1.90
N LEU A 12 -4.51 17.93 3.08
CA LEU A 12 -4.27 16.49 3.24
C LEU A 12 -4.95 16.00 4.48
N MET A 13 -5.80 15.03 4.32
CA MET A 13 -6.52 14.39 5.46
C MET A 13 -6.40 12.89 5.30
N VAL A 14 -6.27 12.18 6.39
CA VAL A 14 -6.19 10.75 6.39
C VAL A 14 -7.34 10.21 7.25
N LYS A 15 -8.04 9.20 6.76
CA LYS A 15 -9.16 8.60 7.48
C LYS A 15 -8.98 7.11 7.52
N VAL A 16 -9.14 6.51 8.68
CA VAL A 16 -8.87 5.08 8.84
C VAL A 16 -10.08 4.43 9.52
N LEU A 17 -10.56 3.36 8.95
CA LEU A 17 -11.69 2.58 9.42
C LEU A 17 -11.30 1.16 9.65
N ASP A 18 -11.99 0.54 10.64
CA ASP A 18 -11.80 -0.86 11.05
C ASP A 18 -12.98 -1.68 10.51
N ALA A 19 -12.71 -2.58 9.60
CA ALA A 19 -13.71 -3.40 8.91
C ALA A 19 -14.19 -4.59 9.74
N VAL A 20 -13.55 -4.90 10.85
CA VAL A 20 -13.98 -5.95 11.76
C VAL A 20 -15.12 -5.42 12.66
N ARG A 21 -14.92 -4.24 13.21
CA ARG A 21 -15.89 -3.68 14.17
C ARG A 21 -16.84 -2.66 13.52
N GLY A 22 -16.57 -2.22 12.29
CA GLY A 22 -17.38 -1.19 11.68
C GLY A 22 -17.30 0.11 12.46
N SER A 23 -16.10 0.56 12.66
CA SER A 23 -15.83 1.73 13.46
C SER A 23 -14.65 2.50 12.93
N PRO A 24 -14.48 3.72 13.38
CA PRO A 24 -13.21 4.39 13.16
C PRO A 24 -12.09 3.63 13.78
N ALA A 25 -10.90 3.68 13.19
CA ALA A 25 -9.69 3.11 13.77
C ALA A 25 -9.02 4.28 14.50
N ILE A 26 -9.09 4.29 15.83
CA ILE A 26 -8.66 5.38 16.66
CA ILE A 26 -8.62 5.40 16.58
C ILE A 26 -7.17 5.25 17.05
N ASN A 27 -6.44 6.36 17.20
CA ASN A 27 -5.06 6.31 17.72
CA ASN A 27 -5.08 6.32 17.70
C ASN A 27 -4.12 5.57 16.83
N VAL A 28 -4.36 5.60 15.52
CA VAL A 28 -3.48 5.02 14.52
C VAL A 28 -2.41 6.00 14.18
N ALA A 29 -1.13 5.61 14.26
CA ALA A 29 -0.02 6.49 13.93
C ALA A 29 0.08 6.60 12.38
N VAL A 30 0.35 7.78 11.90
CA VAL A 30 0.49 8.09 10.46
C VAL A 30 1.73 8.97 10.32
N HIS A 31 2.58 8.55 9.40
CA HIS A 31 3.79 9.34 9.05
C HIS A 31 3.77 9.65 7.58
N VAL A 32 4.01 10.90 7.22
CA VAL A 32 4.02 11.33 5.86
C VAL A 32 5.44 11.74 5.48
N PHE A 33 5.89 11.37 4.28
CA PHE A 33 7.23 11.66 3.76
C PHE A 33 7.09 12.29 2.39
N ARG A 34 8.08 13.05 1.96
CA ARG A 34 8.09 13.62 0.60
C ARG A 34 9.42 13.19 0.00
N LYS A 35 9.40 12.79 -1.26
CA LYS A 35 10.61 12.48 -1.94
C LYS A 35 11.42 13.76 -2.39
N ALA A 36 12.65 13.86 -1.93
CA ALA A 36 13.53 15.00 -2.22
C ALA A 36 14.14 14.87 -3.60
N ALA A 37 14.84 15.92 -4.04
CA ALA A 37 15.38 15.91 -5.39
C ALA A 37 16.57 14.91 -5.47
N ASP A 38 17.07 14.50 -4.30
CA ASP A 38 18.07 13.43 -4.21
C ASP A 38 17.43 12.02 -4.21
N ASP A 39 16.08 11.86 -4.34
CA ASP A 39 15.44 10.54 -4.25
C ASP A 39 15.12 9.94 -2.88
N THR A 40 15.69 10.53 -1.83
CA THR A 40 15.49 10.00 -0.47
C THR A 40 14.08 10.42 0.03
N TRP A 41 13.49 9.64 0.96
CA TRP A 41 12.23 10.03 1.68
C TRP A 41 12.41 10.93 2.91
N GLU A 42 12.02 12.20 2.78
CA GLU A 42 12.23 13.20 3.77
C GLU A 42 10.98 13.23 4.68
N PRO A 43 11.13 13.10 6.01
CA PRO A 43 9.97 13.20 6.85
C PRO A 43 9.30 14.55 6.59
N PHE A 44 7.96 14.51 6.49
CA PHE A 44 7.12 15.68 6.12
C PHE A 44 6.10 16.05 7.20
N ALA A 45 5.40 15.09 7.75
CA ALA A 45 4.42 15.38 8.83
C ALA A 45 4.09 14.05 9.52
N SER A 46 3.56 14.10 10.73
CA SER A 46 3.01 12.89 11.37
C SER A 46 1.91 13.25 12.31
N GLY A 47 1.14 12.25 12.73
CA GLY A 47 0.13 12.43 13.69
C GLY A 47 -0.58 11.14 13.99
N LYS A 48 -1.68 11.24 14.71
CA LYS A 48 -2.48 10.02 15.00
C LYS A 48 -3.96 10.30 14.76
N THR A 49 -4.65 9.24 14.38
CA THR A 49 -6.08 9.41 14.11
C THR A 49 -6.84 9.71 15.42
N SER A 50 -7.85 10.57 15.30
CA SER A 50 -8.76 10.98 16.40
C SER A 50 -9.81 9.91 16.63
N GLU A 51 -10.72 10.22 17.52
CA GLU A 51 -11.85 9.36 17.80
C GLU A 51 -12.75 9.14 16.65
N SER A 52 -12.76 10.02 15.64
CA SER A 52 -13.49 9.78 14.38
C SER A 52 -12.70 9.06 13.35
N GLY A 53 -11.47 8.63 13.67
CA GLY A 53 -10.62 7.94 12.73
C GLY A 53 -9.92 8.85 11.71
N GLU A 54 -9.95 10.14 11.96
CA GLU A 54 -9.43 11.14 11.05
C GLU A 54 -8.23 11.85 11.62
N LEU A 55 -7.36 12.22 10.70
CA LEU A 55 -6.20 13.02 11.02
C LEU A 55 -6.15 14.20 10.06
N HIS A 56 -6.31 15.41 10.63
CA HIS A 56 -6.33 16.67 9.97
C HIS A 56 -5.11 17.46 10.38
N GLY A 57 -4.85 18.56 9.71
CA GLY A 57 -3.82 19.47 10.20
C GLY A 57 -2.40 19.05 9.86
N LEU A 58 -2.20 18.10 8.95
CA LEU A 58 -0.86 17.63 8.67
C LEU A 58 -0.01 18.70 7.95
N THR A 59 -0.62 19.51 7.10
CA THR A 59 0.12 20.50 6.29
C THR A 59 -0.76 21.64 5.94
N THR A 60 -0.21 22.54 5.14
CA THR A 60 -0.85 23.78 4.70
C THR A 60 -0.74 23.82 3.18
N GLU A 61 -1.59 24.63 2.54
CA GLU A 61 -1.56 24.79 1.07
C GLU A 61 -0.18 25.23 0.62
N GLU A 62 0.44 26.11 1.36
CA GLU A 62 1.73 26.61 0.91
C GLU A 62 2.84 25.59 1.05
N GLU A 63 2.84 24.78 2.12
CA GLU A 63 3.97 23.83 2.29
C GLU A 63 3.79 22.61 1.40
N PHE A 64 2.54 22.31 1.03
CA PHE A 64 2.22 21.08 0.34
C PHE A 64 2.39 21.38 -1.13
N VAL A 65 3.63 21.48 -1.55
CA VAL A 65 4.00 21.67 -2.93
C VAL A 65 3.90 20.44 -3.75
N GLU A 66 4.06 20.58 -5.06
CA GLU A 66 4.16 19.41 -5.92
C GLU A 66 5.23 18.48 -5.44
N GLY A 67 5.01 17.18 -5.54
CA GLY A 67 5.98 16.23 -5.20
C GLY A 67 5.39 14.83 -5.12
N ILE A 68 6.21 13.87 -4.79
CA ILE A 68 5.77 12.51 -4.55
C ILE A 68 5.77 12.32 -3.01
N TYR A 69 4.62 11.94 -2.50
CA TYR A 69 4.38 11.80 -1.07
C TYR A 69 4.14 10.38 -0.75
N LYS A 70 4.49 9.98 0.45
CA LYS A 70 4.19 8.68 1.01
C LYS A 70 3.51 8.85 2.35
N VAL A 71 2.38 8.18 2.52
CA VAL A 71 1.62 8.14 3.75
C VAL A 71 1.73 6.75 4.32
N GLU A 72 2.39 6.59 5.43
CA GLU A 72 2.57 5.30 6.06
C GLU A 72 1.69 5.21 7.28
N ILE A 73 0.77 4.27 7.27
CA ILE A 73 -0.20 4.07 8.34
C ILE A 73 0.21 2.87 9.16
N ASP A 74 0.43 3.04 10.45
CA ASP A 74 0.95 1.93 11.30
C ASP A 74 -0.24 1.03 11.70
N THR A 75 -0.65 0.21 10.77
CA THR A 75 -1.70 -0.71 10.99
C THR A 75 -1.31 -1.89 11.91
N LYS A 76 -0.05 -2.28 11.91
CA LYS A 76 0.39 -3.40 12.74
C LYS A 76 0.20 -3.08 14.20
N SER A 77 0.60 -1.91 14.64
CA SER A 77 0.42 -1.59 16.03
C SER A 77 -1.02 -1.50 16.43
N TYR A 78 -1.89 -1.01 15.54
CA TYR A 78 -3.29 -0.98 15.77
C TYR A 78 -3.85 -2.37 16.06
N TRP A 79 -3.56 -3.35 15.22
CA TRP A 79 -4.04 -4.71 15.44
C TRP A 79 -3.42 -5.36 16.63
N LYS A 80 -2.11 -5.14 16.87
CA LYS A 80 -1.43 -5.76 17.98
C LYS A 80 -2.05 -5.33 19.29
N ALA A 81 -2.44 -4.08 19.39
CA ALA A 81 -3.06 -3.59 20.62
C ALA A 81 -4.44 -4.20 20.89
N LEU A 82 -5.06 -4.78 19.88
CA LEU A 82 -6.29 -5.53 19.95
C LEU A 82 -6.03 -7.01 20.06
N GLY A 83 -4.78 -7.44 20.25
CA GLY A 83 -4.43 -8.83 20.46
C GLY A 83 -4.20 -9.60 19.17
N ILE A 84 -4.24 -8.91 18.00
CA ILE A 84 -4.18 -9.59 16.70
C ILE A 84 -2.80 -9.46 16.11
N SER A 85 -2.29 -10.52 15.47
CA SER A 85 -1.07 -10.51 14.68
C SER A 85 -1.48 -10.41 13.24
N PRO A 86 -1.46 -9.19 12.64
CA PRO A 86 -1.99 -9.03 11.30
C PRO A 86 -0.99 -9.39 10.25
N PHE A 87 -1.40 -9.43 9.00
CA PHE A 87 -0.50 -9.72 7.94
C PHE A 87 0.48 -8.62 7.63
N HIS A 88 -0.02 -7.41 7.43
CA HIS A 88 0.81 -6.32 6.94
C HIS A 88 1.57 -5.61 8.03
N GLU A 89 2.76 -5.15 7.72
CA GLU A 89 3.54 -4.29 8.61
C GLU A 89 2.92 -2.93 8.73
N HIS A 90 2.35 -2.45 7.64
CA HIS A 90 1.75 -1.12 7.60
C HIS A 90 0.97 -1.03 6.30
N ALA A 91 0.32 0.09 6.09
CA ALA A 91 -0.31 0.37 4.79
C ALA A 91 0.38 1.64 4.33
N GLU A 92 1.02 1.60 3.16
CA GLU A 92 1.74 2.72 2.57
C GLU A 92 1.12 3.20 1.29
N VAL A 93 0.81 4.43 1.25
CA VAL A 93 0.10 5.03 0.06
C VAL A 93 1.12 6.06 -0.53
N VAL A 94 1.49 5.87 -1.79
CA VAL A 94 2.51 6.67 -2.45
C VAL A 94 1.90 7.29 -3.69
N PHE A 95 1.99 8.60 -3.85
CA PHE A 95 1.26 9.32 -4.90
C PHE A 95 1.96 10.62 -5.19
N THR A 96 1.83 11.08 -6.44
CA THR A 96 2.20 12.42 -6.86
C THR A 96 1.08 13.37 -6.52
N ALA A 97 1.39 14.49 -5.88
CA ALA A 97 0.40 15.46 -5.46
C ALA A 97 0.63 16.76 -6.20
N ASN A 98 -0.48 17.47 -6.46
CA ASN A 98 -0.49 18.81 -6.97
C ASN A 98 0.18 19.01 -8.30
N ASP A 99 0.21 17.96 -9.12
CA ASP A 99 0.87 18.05 -10.43
C ASP A 99 0.17 18.93 -11.42
N SER A 100 -1.13 19.12 -11.23
CA SER A 100 -1.80 20.09 -12.12
C SER A 100 -2.46 21.24 -11.35
N GLY A 101 -1.79 21.60 -10.25
CA GLY A 101 -2.19 22.68 -9.33
C GLY A 101 -2.68 22.13 -8.04
N PRO A 102 -2.95 23.02 -7.08
CA PRO A 102 -3.28 22.58 -5.76
C PRO A 102 -4.60 21.82 -5.75
N ARG A 103 -4.65 20.73 -5.00
CA ARG A 103 -5.86 19.93 -4.76
C ARG A 103 -5.94 19.61 -3.27
N ARG A 104 -7.12 19.18 -2.83
CA ARG A 104 -7.30 18.60 -1.50
C ARG A 104 -7.40 17.12 -1.64
N TYR A 105 -6.68 16.43 -0.80
CA TYR A 105 -6.57 14.98 -0.83
C TYR A 105 -7.09 14.38 0.48
N THR A 106 -7.99 13.41 0.36
CA THR A 106 -8.38 12.56 1.48
C THR A 106 -7.88 11.19 1.15
N ILE A 107 -7.05 10.64 2.01
CA ILE A 107 -6.53 9.32 1.90
C ILE A 107 -7.27 8.45 2.87
N ALA A 108 -8.09 7.55 2.40
CA ALA A 108 -8.90 6.69 3.27
C ALA A 108 -8.29 5.30 3.26
N ALA A 109 -8.29 4.64 4.39
CA ALA A 109 -7.85 3.24 4.49
C ALA A 109 -8.90 2.45 5.30
N LEU A 110 -9.21 1.27 4.85
CA LEU A 110 -10.13 0.35 5.46
C LEU A 110 -9.38 -0.89 5.84
N LEU A 111 -9.31 -1.19 7.13
CA LEU A 111 -8.40 -2.21 7.68
C LEU A 111 -9.11 -3.49 8.11
N SER A 112 -8.51 -4.61 7.69
CA SER A 112 -8.83 -5.92 8.23
C SER A 112 -7.52 -6.60 8.60
N PRO A 113 -7.51 -7.68 9.39
CA PRO A 113 -6.25 -8.27 9.79
C PRO A 113 -5.40 -8.74 8.62
N TYR A 114 -5.97 -9.27 7.56
CA TYR A 114 -5.26 -9.79 6.41
C TYR A 114 -5.51 -9.04 5.13
N SER A 115 -6.08 -7.84 5.19
CA SER A 115 -6.38 -7.07 4.05
C SER A 115 -6.49 -5.62 4.37
N TYR A 116 -6.19 -4.79 3.36
CA TYR A 116 -6.51 -3.36 3.50
C TYR A 116 -6.90 -2.84 2.11
N SER A 117 -7.75 -1.83 2.13
CA SER A 117 -8.14 -1.10 0.96
CA SER A 117 -8.02 -1.10 0.93
C SER A 117 -7.74 0.35 1.20
N THR A 118 -7.37 1.05 0.16
CA THR A 118 -7.13 2.45 0.24
C THR A 118 -7.68 3.18 -0.95
N THR A 119 -8.24 4.35 -0.72
CA THR A 119 -8.93 5.12 -1.73
C THR A 119 -8.46 6.55 -1.57
N ALA A 120 -8.37 7.28 -2.66
CA ALA A 120 -8.09 8.71 -2.65
C ALA A 120 -9.29 9.46 -3.16
N VAL A 121 -9.70 10.50 -2.45
CA VAL A 121 -10.70 11.43 -2.93
C VAL A 121 -9.95 12.73 -3.11
N VAL A 122 -9.96 13.24 -4.33
CA VAL A 122 -9.18 14.43 -4.73
C VAL A 122 -10.16 15.46 -5.25
N THR A 123 -10.17 16.60 -4.58
CA THR A 123 -11.12 17.68 -4.94
C THR A 123 -10.35 18.95 -5.27
N ASN A 124 -11.00 19.80 -6.06
CA ASN A 124 -10.37 20.99 -6.47
C ASN A 124 -11.12 22.06 -5.78
N PRO A 125 -10.50 22.74 -4.80
CA PRO A 125 -11.22 23.74 -4.01
C PRO A 125 -11.40 25.06 -4.76
C CYS B 10 5.41 -21.46 -3.48
N PRO B 11 6.27 -20.76 -2.73
CA PRO B 11 5.72 -20.18 -1.56
C PRO B 11 5.09 -18.79 -1.70
N LEU B 12 5.29 -18.15 -2.83
CA LEU B 12 4.79 -16.79 -3.00
C LEU B 12 4.23 -16.66 -4.39
N MET B 13 2.98 -16.24 -4.47
CA MET B 13 2.30 -15.95 -5.73
CA MET B 13 2.25 -16.00 -5.68
C MET B 13 1.60 -14.61 -5.57
N VAL B 14 1.53 -13.91 -6.68
CA VAL B 14 0.85 -12.62 -6.74
C VAL B 14 -0.22 -12.71 -7.80
N LYS B 15 -1.41 -12.20 -7.48
CA LYS B 15 -2.54 -12.19 -8.39
C LYS B 15 -3.10 -10.78 -8.43
N VAL B 16 -3.34 -10.27 -9.62
CA VAL B 16 -3.80 -8.90 -9.79
C VAL B 16 -5.03 -8.88 -10.69
N LEU B 17 -6.04 -8.16 -10.27
CA LEU B 17 -7.30 -7.99 -10.98
C LEU B 17 -7.54 -6.52 -11.27
N ASP B 18 -8.23 -6.25 -12.37
CA ASP B 18 -8.58 -4.93 -12.84
C ASP B 18 -10.09 -4.74 -12.70
N ALA B 19 -10.46 -3.85 -11.80
CA ALA B 19 -11.84 -3.54 -11.41
C ALA B 19 -12.56 -2.67 -12.44
N VAL B 20 -11.84 -2.06 -13.37
CA VAL B 20 -12.41 -1.26 -14.42
C VAL B 20 -12.88 -2.09 -15.60
N ARG B 21 -12.05 -3.01 -15.97
CA ARG B 21 -12.28 -3.87 -17.13
C ARG B 21 -12.93 -5.17 -16.76
N GLY B 22 -12.89 -5.59 -15.49
CA GLY B 22 -13.39 -6.88 -15.09
C GLY B 22 -12.56 -7.99 -15.66
N SER B 23 -11.30 -7.93 -15.41
CA SER B 23 -10.37 -8.89 -16.03
C SER B 23 -9.18 -9.08 -15.16
N PRO B 24 -8.39 -10.12 -15.40
CA PRO B 24 -7.04 -10.11 -14.84
C PRO B 24 -6.27 -8.91 -15.31
N ALA B 25 -5.35 -8.40 -14.49
CA ALA B 25 -4.47 -7.35 -14.86
C ALA B 25 -3.22 -8.00 -15.43
N ILE B 26 -3.02 -7.93 -16.75
CA ILE B 26 -2.01 -8.65 -17.46
C ILE B 26 -0.79 -7.74 -17.66
N ASN B 27 0.40 -8.35 -17.62
CA ASN B 27 1.63 -7.64 -17.86
C ASN B 27 1.94 -6.57 -16.84
N VAL B 28 1.54 -6.80 -15.62
CA VAL B 28 1.85 -5.87 -14.56
C VAL B 28 3.20 -6.29 -13.96
N ALA B 29 4.10 -5.34 -13.84
CA ALA B 29 5.42 -5.59 -13.24
C ALA B 29 5.29 -5.67 -11.73
N VAL B 30 5.99 -6.62 -11.16
CA VAL B 30 6.00 -6.86 -9.72
C VAL B 30 7.46 -7.08 -9.30
N HIS B 31 7.87 -6.38 -8.28
CA HIS B 31 9.22 -6.48 -7.71
C HIS B 31 9.09 -6.86 -6.23
N VAL B 32 9.93 -7.77 -5.81
CA VAL B 32 9.91 -8.25 -4.42
C VAL B 32 11.28 -7.90 -3.78
N PHE B 33 11.25 -7.47 -2.53
CA PHE B 33 12.41 -7.04 -1.82
C PHE B 33 12.42 -7.73 -0.46
N ARG B 34 13.61 -7.90 0.10
CA ARG B 34 13.75 -8.42 1.47
C ARG B 34 14.46 -7.31 2.23
N LYS B 35 14.02 -7.03 3.42
CA LYS B 35 14.65 -6.03 4.24
C LYS B 35 15.96 -6.55 4.71
N ALA B 36 17.03 -5.78 4.51
CA ALA B 36 18.40 -6.04 4.91
C ALA B 36 18.63 -5.62 6.38
N ALA B 37 19.72 -6.09 6.96
CA ALA B 37 20.09 -5.72 8.36
C ALA B 37 20.28 -4.18 8.54
N ASP B 38 20.63 -3.45 7.46
CA ASP B 38 20.84 -1.97 7.54
C ASP B 38 19.49 -1.23 7.34
N ASP B 39 18.37 -1.97 7.46
CA ASP B 39 17.01 -1.42 7.22
C ASP B 39 16.72 -0.96 5.77
N THR B 40 17.62 -1.23 4.83
CA THR B 40 17.36 -1.00 3.39
C THR B 40 16.63 -2.20 2.74
N TRP B 41 15.98 -1.89 1.63
CA TRP B 41 15.21 -2.92 0.89
C TRP B 41 16.11 -3.52 -0.17
N GLU B 42 16.38 -4.80 -0.07
CA GLU B 42 17.22 -5.47 -1.06
C GLU B 42 16.33 -6.16 -2.07
N PRO B 43 16.34 -5.71 -3.33
CA PRO B 43 15.47 -6.30 -4.33
C PRO B 43 15.99 -7.69 -4.60
N PHE B 44 15.13 -8.69 -4.68
CA PHE B 44 15.69 -10.02 -5.01
C PHE B 44 14.84 -10.84 -5.99
N ALA B 45 13.61 -10.44 -6.31
CA ALA B 45 12.85 -11.17 -7.34
C ALA B 45 11.88 -10.24 -8.07
N SER B 46 11.57 -10.60 -9.31
CA SER B 46 10.60 -9.77 -10.07
C SER B 46 10.00 -10.59 -11.16
N GLY B 47 8.93 -10.07 -11.77
CA GLY B 47 8.31 -10.69 -12.88
C GLY B 47 7.14 -9.84 -13.35
N LYS B 48 6.41 -10.36 -14.31
CA LYS B 48 5.18 -9.67 -14.68
CA LYS B 48 5.22 -9.73 -14.77
C LYS B 48 4.04 -10.64 -14.76
N THR B 49 2.84 -10.16 -14.49
CA THR B 49 1.68 -11.03 -14.38
C THR B 49 1.39 -11.63 -15.78
N SER B 50 0.89 -12.84 -15.77
CA SER B 50 0.49 -13.63 -16.96
C SER B 50 -0.87 -13.18 -17.45
N GLU B 51 -1.36 -13.85 -18.50
CA GLU B 51 -2.70 -13.65 -19.05
C GLU B 51 -3.80 -13.88 -18.07
N SER B 52 -3.52 -14.62 -16.99
CA SER B 52 -4.47 -14.88 -15.91
C SER B 52 -4.26 -13.94 -14.77
N GLY B 53 -3.39 -12.96 -14.89
CA GLY B 53 -3.15 -12.02 -13.82
C GLY B 53 -2.29 -12.53 -12.69
N GLU B 54 -1.59 -13.64 -12.91
CA GLU B 54 -0.83 -14.29 -11.87
C GLU B 54 0.63 -14.27 -12.18
N LEU B 55 1.42 -14.25 -11.09
CA LEU B 55 2.85 -14.37 -11.17
C LEU B 55 3.31 -15.41 -10.16
N HIS B 56 3.88 -16.47 -10.67
CA HIS B 56 4.39 -17.63 -9.98
C HIS B 56 5.88 -17.67 -10.10
N GLY B 57 6.52 -18.51 -9.32
CA GLY B 57 7.93 -18.78 -9.58
C GLY B 57 8.87 -17.69 -9.08
N LEU B 58 8.41 -16.84 -8.20
CA LEU B 58 9.29 -15.78 -7.63
C LEU B 58 10.35 -16.30 -6.71
N THR B 59 10.09 -17.31 -5.90
CA THR B 59 11.08 -17.76 -4.96
C THR B 59 10.85 -19.26 -4.80
N THR B 60 11.65 -19.82 -3.94
CA THR B 60 11.63 -21.25 -3.54
C THR B 60 11.55 -21.32 -2.10
N GLU B 61 11.17 -22.51 -1.63
CA GLU B 61 11.04 -22.81 -0.22
C GLU B 61 12.36 -22.53 0.50
N GLU B 62 13.47 -22.91 -0.06
CA GLU B 62 14.73 -22.81 0.69
C GLU B 62 15.10 -21.32 0.83
N GLU B 63 14.89 -20.50 -0.20
CA GLU B 63 15.36 -19.10 -0.15
C GLU B 63 14.41 -18.21 0.61
N PHE B 64 13.15 -18.62 0.71
CA PHE B 64 12.10 -17.75 1.29
C PHE B 64 12.11 -17.98 2.75
N VAL B 65 13.15 -17.52 3.38
CA VAL B 65 13.27 -17.66 4.90
C VAL B 65 12.50 -16.47 5.66
N GLU B 66 12.38 -16.63 6.92
CA GLU B 66 11.75 -15.62 7.66
C GLU B 66 12.42 -14.29 7.40
N GLY B 67 11.59 -13.27 7.36
CA GLY B 67 12.13 -11.92 7.13
C GLY B 67 10.95 -11.05 6.82
N ILE B 68 11.22 -9.77 6.66
CA ILE B 68 10.25 -8.83 6.21
C ILE B 68 10.43 -8.61 4.72
N TYR B 69 9.34 -8.75 3.97
CA TYR B 69 9.35 -8.68 2.54
C TYR B 69 8.41 -7.58 2.05
N LYS B 70 8.75 -6.97 0.93
CA LYS B 70 7.96 -5.99 0.26
C LYS B 70 7.68 -6.46 -1.15
N VAL B 71 6.42 -6.39 -1.55
CA VAL B 71 5.97 -6.65 -2.89
C VAL B 71 5.47 -5.35 -3.46
N GLU B 72 6.11 -4.84 -4.49
CA GLU B 72 5.72 -3.61 -5.16
C GLU B 72 5.12 -3.91 -6.51
N ILE B 73 3.90 -3.52 -6.68
CA ILE B 73 3.11 -3.78 -7.92
C ILE B 73 3.05 -2.47 -8.70
N ASP B 74 3.54 -2.48 -9.90
CA ASP B 74 3.66 -1.22 -10.71
C ASP B 74 2.31 -0.88 -11.37
N THR B 75 1.40 -0.41 -10.56
CA THR B 75 0.09 -0.06 -10.99
C THR B 75 0.09 1.15 -11.91
N LYS B 76 0.96 2.10 -11.67
CA LYS B 76 0.96 3.30 -12.48
C LYS B 76 1.23 2.98 -13.94
N SER B 77 2.20 2.13 -14.21
CA SER B 77 2.53 1.77 -15.56
C SER B 77 1.39 1.03 -16.22
N TYR B 78 0.68 0.23 -15.45
CA TYR B 78 -0.46 -0.55 -15.95
C TYR B 78 -1.56 0.43 -16.42
N TRP B 79 -1.94 1.37 -15.59
CA TRP B 79 -2.97 2.29 -15.99
C TRP B 79 -2.57 3.20 -17.15
N LYS B 80 -1.30 3.64 -17.13
CA LYS B 80 -0.78 4.43 -18.26
C LYS B 80 -0.89 3.66 -19.55
N ALA B 81 -0.57 2.36 -19.57
CA ALA B 81 -0.66 1.56 -20.77
C ALA B 81 -2.07 1.44 -21.31
N LEU B 82 -3.07 1.57 -20.42
CA LEU B 82 -4.50 1.59 -20.77
C LEU B 82 -5.05 2.97 -21.06
N GLY B 83 -4.28 4.03 -20.91
CA GLY B 83 -4.75 5.37 -21.22
C GLY B 83 -5.68 5.92 -20.15
N ILE B 84 -5.48 5.50 -18.89
CA ILE B 84 -6.32 5.84 -17.77
C ILE B 84 -5.48 6.57 -16.73
N SER B 85 -5.93 7.71 -16.22
CA SER B 85 -5.13 8.47 -15.24
CA SER B 85 -5.12 8.47 -15.28
C SER B 85 -5.15 7.82 -13.88
N PRO B 86 -3.99 7.46 -13.30
CA PRO B 86 -3.97 6.78 -12.02
C PRO B 86 -3.60 7.70 -10.90
N PHE B 87 -3.94 7.37 -9.67
CA PHE B 87 -3.53 8.10 -8.50
C PHE B 87 -2.21 7.65 -7.95
N HIS B 88 -2.03 6.38 -7.70
CA HIS B 88 -0.89 5.93 -6.94
C HIS B 88 0.32 5.74 -7.85
N GLU B 89 1.54 5.82 -7.23
CA GLU B 89 2.75 5.45 -7.90
C GLU B 89 2.82 3.95 -8.12
N HIS B 90 2.37 3.20 -7.13
CA HIS B 90 2.44 1.74 -7.09
C HIS B 90 1.58 1.30 -5.95
N ALA B 91 1.38 -0.02 -5.81
CA ALA B 91 0.76 -0.61 -4.64
C ALA B 91 1.83 -1.46 -4.01
N GLU B 92 2.10 -1.24 -2.72
CA GLU B 92 3.13 -1.88 -1.90
C GLU B 92 2.49 -2.74 -0.84
N VAL B 93 2.98 -3.92 -0.73
CA VAL B 93 2.53 -4.85 0.34
C VAL B 93 3.78 -5.18 1.13
N VAL B 94 3.81 -4.93 2.44
CA VAL B 94 4.98 -5.23 3.28
C VAL B 94 4.52 -6.17 4.40
N PHE B 95 5.19 -7.28 4.60
CA PHE B 95 4.70 -8.32 5.55
C PHE B 95 5.91 -9.06 6.06
N THR B 96 5.79 -9.62 7.27
CA THR B 96 6.75 -10.52 7.87
C THR B 96 6.33 -11.90 7.43
N ALA B 97 7.23 -12.68 6.86
CA ALA B 97 6.95 -14.00 6.39
C ALA B 97 7.38 -15.05 7.38
N ASN B 98 6.62 -16.12 7.38
CA ASN B 98 7.05 -17.40 7.96
C ASN B 98 7.28 -17.37 9.48
N ASP B 99 6.75 -16.32 10.10
CA ASP B 99 6.94 -16.10 11.55
C ASP B 99 6.60 -17.26 12.46
N SER B 100 5.74 -18.13 11.97
CA SER B 100 5.27 -19.35 12.71
C SER B 100 5.49 -20.71 12.04
N GLY B 101 6.44 -20.71 11.10
CA GLY B 101 6.61 -21.79 10.16
C GLY B 101 6.53 -21.28 8.73
N PRO B 102 7.08 -22.01 7.76
CA PRO B 102 6.84 -21.74 6.35
C PRO B 102 5.36 -21.79 5.96
N ARG B 103 4.95 -20.83 5.18
CA ARG B 103 3.58 -20.77 4.65
C ARG B 103 3.60 -20.60 3.15
N ARG B 104 2.44 -20.91 2.47
CA ARG B 104 2.22 -20.42 1.10
C ARG B 104 1.47 -19.15 1.16
N TYR B 105 1.93 -18.14 0.46
CA TYR B 105 1.36 -16.81 0.44
C TYR B 105 0.87 -16.52 -0.96
N THR B 106 -0.37 -16.09 -1.06
CA THR B 106 -0.91 -15.46 -2.25
C THR B 106 -1.24 -14.04 -1.89
N ILE B 107 -0.66 -13.11 -2.60
CA ILE B 107 -0.93 -11.68 -2.44
C ILE B 107 -1.88 -11.33 -3.56
N ALA B 108 -3.09 -10.95 -3.23
CA ALA B 108 -4.08 -10.61 -4.21
C ALA B 108 -4.33 -9.13 -4.19
N ALA B 109 -4.33 -8.50 -5.32
CA ALA B 109 -4.57 -7.05 -5.40
C ALA B 109 -5.70 -6.81 -6.40
N LEU B 110 -6.59 -5.93 -6.05
CA LEU B 110 -7.69 -5.53 -6.87
C LEU B 110 -7.51 -4.03 -7.11
N LEU B 111 -7.36 -3.68 -8.38
CA LEU B 111 -6.94 -2.35 -8.82
C LEU B 111 -8.06 -1.52 -9.48
N SER B 112 -8.18 -0.31 -8.98
CA SER B 112 -8.91 0.74 -9.65
C SER B 112 -7.99 1.97 -9.79
N PRO B 113 -8.33 2.95 -10.63
CA PRO B 113 -7.36 4.04 -10.81
C PRO B 113 -7.08 4.85 -9.56
N TYR B 114 -8.08 5.04 -8.69
CA TYR B 114 -7.93 5.85 -7.44
C TYR B 114 -8.11 5.02 -6.15
N SER B 115 -8.05 3.70 -6.28
CA SER B 115 -8.21 2.84 -5.13
CA SER B 115 -8.19 2.86 -5.13
C SER B 115 -7.62 1.49 -5.40
N TYR B 116 -7.08 0.85 -4.38
CA TYR B 116 -6.73 -0.54 -4.51
C TYR B 116 -6.97 -1.26 -3.17
N SER B 117 -7.14 -2.57 -3.27
CA SER B 117 -7.17 -3.39 -2.10
CA SER B 117 -7.33 -3.51 -2.18
C SER B 117 -6.21 -4.54 -2.28
N THR B 118 -5.68 -4.94 -1.16
CA THR B 118 -4.83 -6.06 -1.16
C THR B 118 -5.13 -7.00 -0.04
N THR B 119 -5.04 -8.28 -0.29
CA THR B 119 -5.42 -9.30 0.71
CA THR B 119 -5.38 -9.28 0.70
C THR B 119 -4.35 -10.39 0.63
N ALA B 120 -4.13 -11.07 1.69
CA ALA B 120 -3.21 -12.20 1.75
C ALA B 120 -4.02 -13.43 2.00
N VAL B 121 -3.78 -14.48 1.23
CA VAL B 121 -4.31 -15.78 1.46
C VAL B 121 -3.14 -16.62 1.85
N VAL B 122 -3.12 -17.12 3.08
CA VAL B 122 -1.98 -17.79 3.67
C VAL B 122 -2.43 -19.15 4.05
N THR B 123 -1.77 -20.14 3.54
CA THR B 123 -2.14 -21.67 3.71
C THR B 123 -0.91 -22.52 4.12
C1 A1ISU C . -9.91 -10.68 -4.80
C2 A1ISU C . -8.97 -9.88 -4.19
C3 A1ISU C . -9.29 -8.68 -3.60
C4 A1ISU C . -10.63 -8.27 -3.64
C5 A1ISU C . -11.62 -9.06 -4.26
CL1 A1ISU C . -7.93 -7.75 -2.74
N A1ISU C . -9.55 -11.85 -5.36
CL A1ISU C . -13.39 -8.58 -4.46
C A1ISU C . -11.20 -10.24 -4.83
#